data_2PQW
#
_entry.id   2PQW
#
_cell.length_a   117.013
_cell.length_b   117.013
_cell.length_c   90.380
_cell.angle_alpha   90.00
_cell.angle_beta   90.00
_cell.angle_gamma   120.00
#
_symmetry.space_group_name_H-M   'P 32 2 1'
#
loop_
_entity.id
_entity.type
_entity.pdbx_description
1 polymer 'Lethal(3)malignant brain tumor-like protein'
2 polymer 'Histone H4'
3 non-polymer 'ACETATE ION'
4 water water
#
loop_
_entity_poly.entity_id
_entity_poly.type
_entity_poly.pdbx_seq_one_letter_code
_entity_poly.pdbx_strand_id
1 'polypeptide(L)'
;GEKKECWSWESYLEEQKAITAPVSLFQDSQAVTHNKNGFKLGMKLEGIDPQHPSMYFILTVAEVCGYRLRLHFDGYSECH
DFWVNANSPDIHPAGWFEKTGHKLQPPKGYKEEEFSWSQYLRSTRAQAAPKHLFVSQSHSPPPLGFQVGMKLEAVDRMNP
SLVCVASVTDVVDSRFLVHFDNWDDTYDYWCDPSSPYIHPVGWCQKQGKPLTPPQDYPDPDNFCWEKYLEETGASAVPTW
AFKVRPPHSFLVNMKLEAVDRRNPALIRVASVEDVEDHRIKIHFDGWSHGYDFWIDADHPDIHPAGWCSKTGHPLQPPLG
PRE
;
A
2 'polypeptide(L)' RHR(MLY)VLRDN B
#
# COMPACT_ATOMS: atom_id res chain seq x y z
N TRP A 7 32.75 -0.81 2.13
CA TRP A 7 31.75 -1.53 1.26
C TRP A 7 31.20 -0.63 0.14
N SER A 8 31.25 -1.13 -1.09
CA SER A 8 30.67 -0.40 -2.22
C SER A 8 29.91 -1.35 -3.12
N TRP A 9 28.86 -0.83 -3.78
CA TRP A 9 28.11 -1.64 -4.74
C TRP A 9 29.03 -2.18 -5.82
N GLU A 10 29.88 -1.29 -6.37
CA GLU A 10 30.81 -1.55 -7.48
C GLU A 10 31.73 -2.75 -7.25
N SER A 11 32.34 -2.76 -6.06
CA SER A 11 33.21 -3.85 -5.62
C SER A 11 32.42 -5.12 -5.44
N TYR A 12 31.26 -5.01 -4.79
CA TYR A 12 30.43 -6.19 -4.54
C TYR A 12 29.92 -6.80 -5.84
N LEU A 13 29.25 -5.97 -6.73
CA LEU A 13 28.85 -6.43 -8.05
C LEU A 13 30.08 -7.04 -8.82
N GLU A 14 31.26 -6.51 -8.53
CA GLU A 14 32.58 -7.07 -9.15
C GLU A 14 32.88 -8.47 -8.62
N GLU A 15 32.76 -8.64 -7.30
CA GLU A 15 33.10 -9.91 -6.61
C GLU A 15 32.07 -11.00 -6.86
N GLN A 16 30.83 -10.55 -7.09
CA GLN A 16 29.66 -11.42 -7.25
C GLN A 16 29.27 -11.66 -8.74
N LYS A 17 30.09 -11.01 -9.61
CA LYS A 17 29.91 -11.02 -11.09
C LYS A 17 28.47 -10.73 -11.53
N ALA A 18 27.83 -9.84 -10.78
CA ALA A 18 26.38 -9.67 -10.85
C ALA A 18 25.97 -8.29 -11.38
N ILE A 19 24.62 -8.07 -11.52
CA ILE A 19 24.12 -6.78 -11.95
C ILE A 19 23.04 -6.32 -11.03
N THR A 20 22.94 -4.96 -10.93
CA THR A 20 21.78 -4.42 -10.27
C THR A 20 20.68 -4.40 -11.34
N ALA A 21 19.43 -4.58 -10.89
CA ALA A 21 18.28 -4.16 -11.68
C ALA A 21 18.48 -2.70 -12.11
N PRO A 22 18.41 -2.42 -13.42
CA PRO A 22 18.47 -1.03 -13.90
C PRO A 22 17.33 -0.13 -13.38
N VAL A 23 17.70 1.10 -13.01
CA VAL A 23 16.78 2.14 -12.57
C VAL A 23 15.49 2.18 -13.43
N SER A 24 15.62 1.87 -14.72
CA SER A 24 14.48 2.00 -15.65
C SER A 24 13.42 0.91 -15.47
N LEU A 25 13.74 -0.12 -14.68
CA LEU A 25 12.78 -1.18 -14.33
C LEU A 25 11.84 -0.80 -13.19
N PHE A 26 12.24 0.20 -12.42
CA PHE A 26 11.47 0.67 -11.26
C PHE A 26 10.48 1.76 -11.64
N GLN A 27 9.45 1.94 -10.81
CA GLN A 27 8.58 3.09 -10.93
C GLN A 27 9.38 4.32 -10.52
N ASP A 28 9.04 5.49 -11.09
CA ASP A 28 9.68 6.77 -10.71
C ASP A 28 9.72 6.96 -9.19
N SER A 29 8.62 6.66 -8.50
CA SER A 29 8.53 6.88 -7.06
C SER A 29 9.47 5.99 -6.24
N GLN A 30 9.78 4.80 -6.79
CA GLN A 30 10.73 3.86 -6.14
C GLN A 30 12.17 4.32 -6.33
N ALA A 31 12.39 5.01 -7.45
CA ALA A 31 13.71 5.39 -7.88
C ALA A 31 14.16 6.75 -7.40
N VAL A 32 13.23 7.71 -7.29
CA VAL A 32 13.62 9.12 -7.06
C VAL A 32 14.46 9.35 -5.77
N THR A 33 15.61 10.00 -5.94
CA THR A 33 16.55 10.24 -4.83
C THR A 33 16.82 11.72 -4.56
N HIS A 34 16.44 12.57 -5.52
CA HIS A 34 16.83 13.97 -5.45
C HIS A 34 15.86 14.85 -4.66
N ASN A 35 14.77 14.28 -4.14
CA ASN A 35 13.79 15.03 -3.32
C ASN A 35 14.24 15.12 -1.88
N LYS A 36 14.23 16.32 -1.31
CA LYS A 36 14.58 16.48 0.10
C LYS A 36 13.44 15.97 1.00
N ASN A 37 13.77 15.39 2.15
CA ASN A 37 12.78 14.99 3.16
C ASN A 37 12.55 16.21 4.01
N GLY A 38 11.42 16.86 3.82
CA GLY A 38 11.03 17.99 4.65
C GLY A 38 10.27 17.64 5.90
N PHE A 39 10.00 16.35 6.17
CA PHE A 39 9.38 15.96 7.47
C PHE A 39 10.33 16.10 8.65
N LYS A 40 9.80 16.65 9.75
CA LYS A 40 10.57 16.92 10.95
C LYS A 40 9.96 16.25 12.15
N LEU A 41 10.80 15.90 13.11
CA LEU A 41 10.38 15.31 14.38
C LEU A 41 9.22 16.07 15.00
N GLY A 42 8.19 15.34 15.42
CA GLY A 42 7.04 15.97 16.13
C GLY A 42 5.96 16.56 15.24
N MET A 43 6.21 16.67 13.93
CA MET A 43 5.16 17.13 13.01
C MET A 43 3.94 16.17 13.06
N LYS A 44 2.72 16.74 13.01
CA LYS A 44 1.49 15.96 13.04
C LYS A 44 0.82 15.93 11.67
N LEU A 45 0.09 14.84 11.40
CA LEU A 45 -0.54 14.63 10.10
C LEU A 45 -1.61 13.55 10.20
N GLU A 46 -2.23 13.23 9.09
CA GLU A 46 -3.25 12.16 9.01
C GLU A 46 -2.76 11.04 8.11
N GLY A 47 -3.14 9.80 8.40
CA GLY A 47 -2.64 8.71 7.55
C GLY A 47 -3.44 7.44 7.70
N ILE A 48 -3.32 6.58 6.71
CA ILE A 48 -3.94 5.27 6.72
C ILE A 48 -3.24 4.36 7.76
N ASP A 49 -4.02 3.57 8.49
CA ASP A 49 -3.47 2.53 9.33
C ASP A 49 -3.09 1.34 8.42
N PRO A 50 -1.79 0.98 8.34
CA PRO A 50 -1.43 -0.17 7.49
C PRO A 50 -2.18 -1.49 7.81
N GLN A 51 -2.67 -1.65 9.03
CA GLN A 51 -3.42 -2.87 9.40
C GLN A 51 -4.89 -2.76 9.06
N HIS A 52 -5.40 -1.53 8.90
CA HIS A 52 -6.80 -1.30 8.59
C HIS A 52 -6.86 -0.27 7.50
N PRO A 53 -6.59 -0.68 6.23
CA PRO A 53 -6.31 0.32 5.14
C PRO A 53 -7.42 1.28 4.77
N SER A 54 -8.60 1.10 5.34
CA SER A 54 -9.75 1.99 5.13
C SER A 54 -9.82 3.12 6.14
N MET A 55 -9.04 3.02 7.22
CA MET A 55 -9.15 3.92 8.37
C MET A 55 -8.03 4.94 8.42
N TYR A 56 -8.36 6.16 8.88
CA TYR A 56 -7.41 7.25 8.99
C TYR A 56 -7.23 7.69 10.44
N PHE A 57 -5.98 7.97 10.82
CA PHE A 57 -5.59 8.25 12.19
C PHE A 57 -4.71 9.49 12.23
N ILE A 58 -4.68 10.16 13.38
CA ILE A 58 -3.66 11.16 13.64
C ILE A 58 -2.33 10.52 13.95
N LEU A 59 -1.32 10.97 13.21
CA LEU A 59 0.04 10.41 13.23
C LEU A 59 1.05 11.52 13.47
N THR A 60 2.12 11.19 14.17
CA THR A 60 3.19 12.13 14.49
C THR A 60 4.51 11.55 14.01
N VAL A 61 5.33 12.40 13.40
CA VAL A 61 6.69 12.01 13.05
C VAL A 61 7.55 11.68 14.31
N ALA A 62 7.93 10.41 14.44
CA ALA A 62 8.70 9.91 15.59
C ALA A 62 10.21 9.81 15.32
N GLU A 63 10.57 9.64 14.05
CA GLU A 63 11.96 9.45 13.63
C GLU A 63 12.04 9.74 12.13
N VAL A 64 13.20 10.22 11.68
CA VAL A 64 13.43 10.42 10.26
C VAL A 64 14.77 9.76 9.94
N CYS A 65 14.80 8.98 8.87
CA CYS A 65 16.07 8.46 8.36
C CYS A 65 16.15 8.54 6.82
N GLY A 66 17.02 9.41 6.32
CA GLY A 66 17.07 9.70 4.88
C GLY A 66 15.71 10.12 4.35
N TYR A 67 15.23 9.45 3.29
CA TYR A 67 13.92 9.75 2.68
C TYR A 67 12.75 9.00 3.34
N ARG A 68 12.97 8.44 4.52
CA ARG A 68 11.97 7.65 5.23
C ARG A 68 11.62 8.27 6.56
N LEU A 69 10.43 7.99 7.06
CA LEU A 69 10.02 8.50 8.36
C LEU A 69 9.23 7.44 9.16
N ARG A 70 9.42 7.46 10.47
CA ARG A 70 8.67 6.61 11.39
C ARG A 70 7.50 7.42 11.95
N LEU A 71 6.30 6.86 11.79
CA LEU A 71 5.06 7.46 12.25
C LEU A 71 4.49 6.74 13.46
N HIS A 72 3.95 7.53 14.36
CA HIS A 72 3.47 7.06 15.64
C HIS A 72 1.98 7.39 15.73
N PHE A 73 1.16 6.46 16.22
CA PHE A 73 -0.28 6.73 16.37
C PHE A 73 -0.51 7.45 17.68
N ASP A 74 -0.88 8.73 17.61
CA ASP A 74 -1.16 9.51 18.81
C ASP A 74 -2.13 8.81 19.76
N GLY A 75 -1.73 8.71 21.01
CA GLY A 75 -2.53 8.07 22.05
C GLY A 75 -2.34 6.57 22.18
N TYR A 76 -1.75 5.95 21.16
CA TYR A 76 -1.57 4.49 21.16
C TYR A 76 -0.13 4.11 21.46
N SER A 77 0.09 2.80 21.58
CA SER A 77 1.40 2.28 21.95
C SER A 77 2.39 2.46 20.80
N GLU A 78 3.65 2.68 21.18
CA GLU A 78 4.75 2.82 20.24
C GLU A 78 5.06 1.53 19.45
N CYS A 79 4.46 0.41 19.87
CA CYS A 79 4.66 -0.86 19.17
C CYS A 79 3.90 -0.89 17.84
N HIS A 80 3.00 0.08 17.66
CA HIS A 80 2.28 0.23 16.38
C HIS A 80 2.96 1.16 15.37
N ASP A 81 4.10 1.75 15.71
CA ASP A 81 4.81 2.69 14.82
C ASP A 81 5.16 1.98 13.49
N PHE A 82 5.18 2.72 12.40
CA PHE A 82 5.50 2.12 11.12
C PHE A 82 6.30 3.15 10.30
N TRP A 83 7.04 2.63 9.34
CA TRP A 83 7.81 3.46 8.42
C TRP A 83 7.13 3.63 7.07
N VAL A 84 7.25 4.81 6.49
CA VAL A 84 6.83 5.09 5.12
C VAL A 84 7.93 5.92 4.49
N ASN A 85 7.89 6.08 3.16
CA ASN A 85 8.75 7.03 2.48
C ASN A 85 8.13 8.43 2.52
N ALA A 86 8.94 9.46 2.29
CA ALA A 86 8.43 10.83 2.36
C ALA A 86 7.51 11.14 1.19
N ASN A 87 7.61 10.37 0.09
CA ASN A 87 6.64 10.45 -1.00
C ASN A 87 5.47 9.48 -0.90
N SER A 88 5.18 8.97 0.29
CA SER A 88 3.97 8.13 0.51
C SER A 88 2.67 8.87 0.11
N PRO A 89 1.79 8.20 -0.68
CA PRO A 89 0.43 8.72 -0.94
C PRO A 89 -0.54 8.35 0.21
N ASP A 90 -0.05 7.65 1.21
CA ASP A 90 -0.91 7.08 2.24
C ASP A 90 -0.97 7.98 3.46
N ILE A 91 -0.46 9.18 3.30
CA ILE A 91 -0.48 10.17 4.40
C ILE A 91 -0.98 11.49 3.83
N HIS A 92 -1.58 12.34 4.68
CA HIS A 92 -2.25 13.56 4.22
C HIS A 92 -2.05 14.69 5.25
N PRO A 93 -2.12 15.97 4.81
CA PRO A 93 -1.98 17.10 5.76
C PRO A 93 -3.16 17.17 6.72
N ALA A 94 -2.95 17.72 7.89
CA ALA A 94 -4.00 17.97 8.89
C ALA A 94 -5.15 18.76 8.23
N GLY A 95 -6.39 18.31 8.44
CA GLY A 95 -7.58 18.97 7.85
C GLY A 95 -8.11 18.27 6.61
N TRP A 96 -7.28 17.42 6.00
CA TRP A 96 -7.65 16.71 4.75
C TRP A 96 -8.94 15.89 4.91
N PHE A 97 -9.07 15.17 6.03
CA PHE A 97 -10.24 14.28 6.27
C PHE A 97 -11.59 15.03 6.10
N GLU A 98 -11.70 16.24 6.67
N GLU A 98 -11.60 16.26 6.64
CA GLU A 98 -12.94 17.01 6.62
CA GLU A 98 -12.72 17.16 6.75
C GLU A 98 -13.24 17.60 5.24
C GLU A 98 -13.17 17.76 5.41
N LYS A 99 -12.19 18.00 4.51
CA LYS A 99 -12.38 18.63 3.20
C LYS A 99 -12.64 17.58 2.11
N THR A 100 -12.50 16.29 2.43
CA THR A 100 -12.52 15.23 1.42
C THR A 100 -13.51 14.04 1.68
N GLY A 101 -14.25 14.12 2.79
CA GLY A 101 -15.25 13.12 3.11
C GLY A 101 -14.73 11.86 3.78
N HIS A 102 -13.64 11.99 4.57
CA HIS A 102 -13.04 10.82 5.23
C HIS A 102 -13.21 10.91 6.74
N LYS A 103 -13.40 9.77 7.36
CA LYS A 103 -13.54 9.72 8.81
C LYS A 103 -12.17 9.67 9.40
N LEU A 104 -11.95 10.49 10.43
CA LEU A 104 -10.69 10.44 11.15
C LEU A 104 -10.91 9.82 12.52
N GLN A 105 -10.18 8.75 12.82
CA GLN A 105 -10.19 8.22 14.18
C GLN A 105 -9.40 9.18 15.08
N PRO A 106 -10.04 9.69 16.14
CA PRO A 106 -9.37 10.56 17.12
C PRO A 106 -8.22 9.87 17.89
N PRO A 107 -7.36 10.64 18.61
CA PRO A 107 -6.37 9.99 19.48
C PRO A 107 -7.03 9.08 20.54
N LYS A 108 -6.34 8.04 20.99
CA LYS A 108 -6.95 7.11 21.93
C LYS A 108 -7.52 7.88 23.11
N GLY A 109 -8.79 7.64 23.42
CA GLY A 109 -9.44 8.35 24.52
C GLY A 109 -10.41 9.45 24.13
N TYR A 110 -10.19 10.11 22.99
CA TYR A 110 -11.14 11.11 22.45
C TYR A 110 -12.41 10.49 21.86
N LYS A 111 -13.50 11.28 21.86
CA LYS A 111 -14.68 11.03 20.99
C LYS A 111 -14.55 11.82 19.66
N GLU A 112 -15.28 11.37 18.63
CA GLU A 112 -15.11 11.88 17.24
C GLU A 112 -15.43 13.38 17.05
N GLU A 113 -16.49 13.87 17.71
CA GLU A 113 -16.86 15.29 17.63
C GLU A 113 -16.29 16.14 18.78
N GLU A 114 -15.52 15.49 19.65
CA GLU A 114 -14.70 16.15 20.69
C GLU A 114 -13.32 16.60 20.11
N PHE A 115 -12.99 16.09 18.91
CA PHE A 115 -11.75 16.41 18.21
C PHE A 115 -11.81 17.52 17.14
N SER A 116 -10.97 18.54 17.31
CA SER A 116 -10.65 19.47 16.21
C SER A 116 -9.15 19.72 16.15
N TRP A 117 -8.62 19.89 14.94
CA TRP A 117 -7.19 20.16 14.75
C TRP A 117 -6.72 21.43 15.47
N SER A 118 -7.47 22.53 15.33
CA SER A 118 -7.08 23.77 15.97
C SER A 118 -6.98 23.64 17.49
N GLN A 119 -7.95 22.97 18.11
CA GLN A 119 -7.91 22.70 19.55
C GLN A 119 -6.79 21.70 19.93
N TYR A 120 -6.59 20.68 19.11
CA TYR A 120 -5.57 19.68 19.40
C TYR A 120 -4.13 20.25 19.30
N LEU A 121 -3.87 21.07 18.28
CA LEU A 121 -2.57 21.74 18.14
C LEU A 121 -2.32 22.76 19.26
N ARG A 122 -3.38 23.38 19.76
CA ARG A 122 -3.26 24.30 20.89
C ARG A 122 -2.86 23.51 22.13
N SER A 123 -3.53 22.38 22.39
CA SER A 123 -3.27 21.54 23.57
C SER A 123 -1.89 20.92 23.56
N THR A 124 -1.46 20.46 22.38
CA THR A 124 -0.18 19.79 22.26
C THR A 124 0.93 20.78 22.02
N ARG A 125 0.61 22.00 21.60
CA ARG A 125 1.60 22.99 21.11
C ARG A 125 2.45 22.43 19.96
N ALA A 126 1.85 21.56 19.13
CA ALA A 126 2.56 20.91 18.03
C ALA A 126 2.29 21.66 16.73
N GLN A 127 3.10 21.35 15.73
CA GLN A 127 3.01 21.86 14.37
C GLN A 127 2.44 20.77 13.47
N ALA A 128 1.51 21.14 12.59
CA ALA A 128 1.08 20.26 11.53
C ALA A 128 2.14 20.27 10.43
N ALA A 129 2.49 19.10 9.93
CA ALA A 129 3.34 18.99 8.75
C ALA A 129 2.77 19.85 7.60
N PRO A 130 3.61 20.72 6.98
CA PRO A 130 3.13 21.65 5.93
C PRO A 130 2.56 20.89 4.74
N LYS A 131 1.53 21.46 4.12
CA LYS A 131 0.85 20.84 2.95
C LYS A 131 1.77 20.44 1.77
N HIS A 132 2.80 21.24 1.49
CA HIS A 132 3.62 21.08 0.30
C HIS A 132 4.44 19.77 0.34
N LEU A 133 4.54 19.16 1.53
CA LEU A 133 5.25 17.88 1.71
C LEU A 133 4.54 16.64 1.14
N PHE A 134 3.23 16.75 0.91
CA PHE A 134 2.36 15.57 0.64
C PHE A 134 2.07 15.41 -0.86
N VAL A 135 2.39 14.24 -1.41
CA VAL A 135 2.12 14.01 -2.85
C VAL A 135 0.63 13.84 -3.11
N SER A 136 -0.11 13.42 -2.07
CA SER A 136 -1.53 13.07 -2.10
C SER A 136 -2.38 14.00 -1.17
N GLN A 137 -3.11 14.91 -1.81
CA GLN A 137 -4.01 15.80 -1.07
C GLN A 137 -5.42 15.83 -1.69
N SER A 138 -5.74 14.79 -2.47
CA SER A 138 -6.99 14.72 -3.26
C SER A 138 -7.19 15.90 -4.27
N HIS A 139 -6.08 16.38 -4.84
CA HIS A 139 -6.16 17.42 -5.88
C HIS A 139 -5.80 16.93 -7.29
N SER A 140 -5.37 15.67 -7.41
CA SER A 140 -4.97 15.05 -8.70
C SER A 140 -6.15 14.42 -9.43
N PRO A 141 -5.98 14.19 -10.77
CA PRO A 141 -6.90 13.37 -11.58
C PRO A 141 -7.27 12.01 -10.95
N PRO A 142 -8.59 11.76 -10.82
CA PRO A 142 -9.10 10.53 -10.19
C PRO A 142 -8.93 9.34 -11.14
N PRO A 143 -9.05 8.08 -10.62
CA PRO A 143 -8.93 6.97 -11.56
C PRO A 143 -10.17 6.94 -12.40
N LEU A 144 -10.03 7.33 -13.66
CA LEU A 144 -11.13 7.46 -14.60
C LEU A 144 -11.99 6.21 -14.55
N GLY A 145 -13.28 6.41 -14.30
CA GLY A 145 -14.24 5.34 -14.35
C GLY A 145 -14.56 4.65 -13.03
N PHE A 146 -13.74 4.88 -12.01
CA PHE A 146 -13.93 4.22 -10.71
C PHE A 146 -14.55 5.19 -9.73
N GLN A 147 -15.86 5.06 -9.51
CA GLN A 147 -16.60 5.91 -8.57
C GLN A 147 -16.83 5.13 -7.31
N VAL A 148 -16.83 5.82 -6.16
CA VAL A 148 -17.27 5.24 -4.92
C VAL A 148 -18.64 4.59 -5.08
N GLY A 149 -18.79 3.36 -4.59
CA GLY A 149 -20.08 2.67 -4.66
C GLY A 149 -20.22 1.70 -5.81
N MET A 150 -19.34 1.81 -6.81
CA MET A 150 -19.35 0.87 -7.95
C MET A 150 -18.78 -0.48 -7.56
N LYS A 151 -19.23 -1.53 -8.26
CA LYS A 151 -18.81 -2.88 -7.95
C LYS A 151 -17.94 -3.53 -9.07
N LEU A 152 -17.25 -4.60 -8.72
CA LEU A 152 -16.25 -5.23 -9.54
C LEU A 152 -15.95 -6.60 -8.95
N GLU A 153 -15.11 -7.39 -9.62
CA GLU A 153 -14.59 -8.62 -9.04
C GLU A 153 -13.13 -8.40 -8.68
N ALA A 154 -12.68 -9.01 -7.57
CA ALA A 154 -11.33 -8.79 -7.04
C ALA A 154 -10.79 -10.05 -6.38
N VAL A 155 -9.51 -10.33 -6.60
CA VAL A 155 -8.79 -11.38 -5.88
C VAL A 155 -8.73 -10.98 -4.41
N ASP A 156 -9.15 -11.89 -3.52
CA ASP A 156 -8.82 -11.74 -2.09
C ASP A 156 -7.32 -12.04 -1.89
N ARG A 157 -6.49 -11.00 -1.67
CA ARG A 157 -5.04 -11.23 -1.57
C ARG A 157 -4.60 -12.04 -0.34
N MET A 158 -5.51 -12.14 0.64
CA MET A 158 -5.31 -13.00 1.81
C MET A 158 -5.80 -14.43 1.64
N ASN A 159 -6.62 -14.66 0.60
CA ASN A 159 -7.04 -16.03 0.17
C ASN A 159 -7.05 -16.06 -1.36
N PRO A 160 -5.86 -16.00 -1.98
CA PRO A 160 -5.81 -15.58 -3.38
C PRO A 160 -6.28 -16.59 -4.43
N SER A 161 -6.78 -17.74 -4.00
CA SER A 161 -7.52 -18.64 -4.91
C SER A 161 -8.95 -18.10 -5.15
N LEU A 162 -9.39 -17.15 -4.32
CA LEU A 162 -10.74 -16.60 -4.45
C LEU A 162 -10.77 -15.26 -5.21
N VAL A 163 -11.63 -15.20 -6.24
CA VAL A 163 -12.05 -13.93 -6.89
C VAL A 163 -13.48 -13.67 -6.42
N CYS A 164 -13.74 -12.45 -5.95
CA CYS A 164 -14.89 -12.17 -5.11
C CYS A 164 -15.65 -10.90 -5.51
N VAL A 165 -16.90 -10.85 -5.09
CA VAL A 165 -17.76 -9.67 -5.24
C VAL A 165 -17.17 -8.54 -4.38
N ALA A 166 -16.95 -7.37 -4.99
CA ALA A 166 -16.16 -6.29 -4.36
C ALA A 166 -16.73 -4.93 -4.73
N SER A 167 -16.36 -3.92 -3.94
CA SER A 167 -16.84 -2.55 -4.12
C SER A 167 -15.70 -1.59 -4.02
N VAL A 168 -15.84 -0.47 -4.72
CA VAL A 168 -15.01 0.71 -4.52
C VAL A 168 -15.58 1.51 -3.34
N THR A 169 -14.83 1.63 -2.25
CA THR A 169 -15.29 2.36 -1.08
C THR A 169 -14.60 3.71 -0.79
N ASP A 170 -13.52 4.02 -1.52
CA ASP A 170 -12.75 5.23 -1.30
C ASP A 170 -12.05 5.55 -2.59
N VAL A 171 -11.88 6.85 -2.84
CA VAL A 171 -11.17 7.31 -4.02
C VAL A 171 -10.31 8.48 -3.58
N VAL A 172 -9.00 8.35 -3.81
CA VAL A 172 -8.05 9.41 -3.45
C VAL A 172 -6.99 9.56 -4.53
N ASP A 173 -7.03 10.69 -5.20
CA ASP A 173 -6.13 11.01 -6.32
C ASP A 173 -6.19 9.89 -7.35
N SER A 174 -5.08 9.25 -7.65
CA SER A 174 -5.08 8.25 -8.71
C SER A 174 -5.44 6.83 -8.25
N ARG A 175 -5.71 6.66 -6.95
CA ARG A 175 -6.03 5.33 -6.39
C ARG A 175 -7.45 5.20 -5.82
N PHE A 176 -7.86 3.96 -5.58
CA PHE A 176 -9.19 3.70 -5.02
C PHE A 176 -9.07 2.46 -4.14
N LEU A 177 -10.01 2.32 -3.21
CA LEU A 177 -9.98 1.27 -2.20
C LEU A 177 -11.00 0.21 -2.57
N VAL A 178 -10.53 -1.06 -2.67
CA VAL A 178 -11.36 -2.22 -2.91
C VAL A 178 -11.79 -2.87 -1.58
N HIS A 179 -13.10 -3.09 -1.40
CA HIS A 179 -13.68 -3.71 -0.20
C HIS A 179 -14.44 -4.99 -0.60
N PHE A 180 -14.32 -6.03 0.23
CA PHE A 180 -15.01 -7.30 -0.01
C PHE A 180 -16.35 -7.30 0.70
N ASP A 181 -17.43 -7.26 -0.09
CA ASP A 181 -18.78 -7.04 0.44
C ASP A 181 -19.14 -8.04 1.54
N ASN A 182 -19.63 -7.50 2.65
CA ASN A 182 -20.00 -8.25 3.85
C ASN A 182 -18.88 -9.01 4.62
N TRP A 183 -17.62 -8.67 4.33
CA TRP A 183 -16.49 -9.12 5.11
C TRP A 183 -15.90 -7.87 5.77
N ASP A 184 -15.01 -8.06 6.73
CA ASP A 184 -14.55 -6.85 7.39
C ASP A 184 -13.45 -6.14 6.57
N ASP A 185 -13.05 -4.95 7.03
CA ASP A 185 -12.13 -4.13 6.29
C ASP A 185 -10.68 -4.64 6.24
N THR A 186 -10.35 -5.69 7.00
CA THR A 186 -8.97 -6.14 7.01
C THR A 186 -8.56 -6.64 5.62
N TYR A 187 -9.55 -7.00 4.80
CA TYR A 187 -9.28 -7.46 3.43
C TYR A 187 -9.17 -6.33 2.42
N ASP A 188 -9.48 -5.09 2.82
CA ASP A 188 -9.43 -3.95 1.87
C ASP A 188 -8.03 -3.73 1.35
N TYR A 189 -7.89 -3.39 0.06
CA TYR A 189 -6.62 -2.88 -0.44
C TYR A 189 -6.75 -1.79 -1.48
N TRP A 190 -5.72 -0.94 -1.56
CA TRP A 190 -5.68 0.20 -2.47
C TRP A 190 -5.13 -0.27 -3.81
N CYS A 191 -5.67 0.28 -4.90
CA CYS A 191 -5.39 -0.12 -6.29
C CYS A 191 -5.37 1.10 -7.18
N ASP A 192 -4.88 0.90 -8.40
CA ASP A 192 -5.13 1.82 -9.49
C ASP A 192 -5.83 1.01 -10.60
N PRO A 193 -6.32 1.67 -11.67
CA PRO A 193 -7.02 0.97 -12.77
C PRO A 193 -6.28 -0.19 -13.46
N SER A 194 -4.96 -0.23 -13.37
CA SER A 194 -4.17 -1.31 -13.98
C SER A 194 -3.83 -2.46 -13.03
N SER A 195 -4.34 -2.42 -11.80
CA SER A 195 -4.09 -3.49 -10.84
C SER A 195 -4.38 -4.86 -11.45
N PRO A 196 -3.42 -5.80 -11.37
CA PRO A 196 -3.68 -7.16 -11.89
C PRO A 196 -4.65 -8.00 -11.02
N TYR A 197 -5.05 -7.45 -9.88
CA TYR A 197 -5.91 -8.17 -8.95
C TYR A 197 -7.41 -7.90 -9.07
N ILE A 198 -7.79 -7.01 -9.99
CA ILE A 198 -9.19 -6.58 -10.12
C ILE A 198 -9.68 -6.80 -11.53
N HIS A 199 -11.00 -6.99 -11.69
CA HIS A 199 -11.65 -7.39 -12.94
C HIS A 199 -13.02 -6.79 -13.00
N PRO A 200 -13.55 -6.58 -14.23
CA PRO A 200 -14.93 -6.08 -14.31
C PRO A 200 -15.94 -7.14 -13.90
N VAL A 201 -17.11 -6.68 -13.44
CA VAL A 201 -18.27 -7.53 -13.20
C VAL A 201 -18.46 -8.46 -14.41
N GLY A 202 -18.54 -9.76 -14.17
CA GLY A 202 -18.73 -10.73 -15.25
C GLY A 202 -17.46 -11.41 -15.74
N TRP A 203 -16.31 -11.04 -15.19
CA TRP A 203 -15.03 -11.66 -15.60
C TRP A 203 -14.97 -13.14 -15.25
N CYS A 204 -15.31 -13.50 -14.02
CA CYS A 204 -15.26 -14.90 -13.54
C CYS A 204 -16.04 -15.84 -14.43
N GLN A 205 -17.21 -15.41 -14.90
CA GLN A 205 -18.00 -16.36 -15.66
C GLN A 205 -17.56 -16.49 -17.14
N LYS A 206 -17.02 -15.41 -17.69
CA LYS A 206 -16.32 -15.43 -18.98
C LYS A 206 -15.07 -16.32 -18.93
N GLN A 207 -14.41 -16.34 -17.77
CA GLN A 207 -13.23 -17.19 -17.59
C GLN A 207 -13.53 -18.64 -17.22
N GLY A 208 -14.79 -18.94 -16.90
CA GLY A 208 -15.19 -20.25 -16.34
C GLY A 208 -14.68 -20.51 -14.92
N LYS A 209 -14.54 -19.44 -14.14
CA LYS A 209 -13.95 -19.49 -12.80
C LYS A 209 -15.06 -19.24 -11.79
N PRO A 210 -15.01 -19.94 -10.61
CA PRO A 210 -16.05 -19.67 -9.60
C PRO A 210 -15.94 -18.26 -9.00
N LEU A 211 -17.08 -17.59 -8.87
CA LEU A 211 -17.13 -16.28 -8.23
C LEU A 211 -17.58 -16.45 -6.77
N THR A 212 -16.78 -15.94 -5.85
CA THR A 212 -17.11 -15.98 -4.42
C THR A 212 -18.04 -14.79 -4.13
N PRO A 213 -19.29 -15.08 -3.71
CA PRO A 213 -20.31 -14.03 -3.42
C PRO A 213 -20.07 -13.40 -2.03
N PRO A 214 -20.81 -12.33 -1.67
CA PRO A 214 -20.64 -11.74 -0.34
C PRO A 214 -20.80 -12.78 0.76
N GLN A 215 -20.22 -12.56 1.92
CA GLN A 215 -20.32 -13.49 3.01
C GLN A 215 -21.75 -13.81 3.33
N ASP A 216 -22.05 -15.09 3.41
CA ASP A 216 -23.35 -15.57 3.84
C ASP A 216 -24.50 -15.18 2.89
N TYR A 217 -24.17 -14.93 1.62
CA TYR A 217 -25.17 -14.61 0.61
C TYR A 217 -26.14 -15.80 0.46
N PRO A 218 -27.48 -15.53 0.42
CA PRO A 218 -28.54 -16.55 0.25
C PRO A 218 -28.38 -17.31 -1.07
N ASP A 219 -28.26 -18.63 -1.00
CA ASP A 219 -28.12 -19.46 -2.20
C ASP A 219 -26.89 -19.01 -3.05
N PRO A 220 -25.68 -19.10 -2.47
CA PRO A 220 -24.44 -18.55 -3.04
C PRO A 220 -24.10 -19.00 -4.48
N ASP A 221 -24.53 -20.22 -4.84
CA ASP A 221 -24.27 -20.82 -6.16
C ASP A 221 -24.99 -20.09 -7.28
N ASN A 222 -26.16 -19.56 -6.93
CA ASN A 222 -27.04 -18.87 -7.87
C ASN A 222 -27.01 -17.34 -7.66
N PHE A 223 -25.89 -16.84 -7.11
CA PHE A 223 -25.60 -15.43 -7.13
C PHE A 223 -25.66 -14.87 -8.55
N CYS A 224 -26.35 -13.76 -8.70
CA CYS A 224 -26.53 -13.16 -9.99
C CYS A 224 -26.14 -11.68 -9.84
N TRP A 225 -25.18 -11.25 -10.65
CA TRP A 225 -24.70 -9.86 -10.65
C TRP A 225 -25.79 -8.82 -10.89
N GLU A 226 -26.60 -9.05 -11.92
CA GLU A 226 -27.71 -8.15 -12.28
C GLU A 226 -28.70 -7.94 -11.12
N LYS A 227 -29.10 -9.02 -10.47
CA LYS A 227 -29.94 -8.92 -9.27
C LYS A 227 -29.27 -8.21 -8.07
N TYR A 228 -28.03 -8.59 -7.75
CA TYR A 228 -27.29 -7.97 -6.65
C TYR A 228 -27.11 -6.46 -6.88
N LEU A 229 -26.77 -6.09 -8.10
CA LEU A 229 -26.63 -4.66 -8.44
C LEU A 229 -27.94 -3.90 -8.22
N GLU A 230 -29.06 -4.50 -8.63
CA GLU A 230 -30.35 -3.85 -8.48
C GLU A 230 -30.76 -3.69 -7.01
N GLU A 231 -30.57 -4.75 -6.21
CA GLU A 231 -30.96 -4.67 -4.80
C GLU A 231 -30.04 -3.77 -3.94
N THR A 232 -28.80 -3.59 -4.35
CA THR A 232 -27.88 -2.67 -3.66
C THR A 232 -27.86 -1.26 -4.28
N GLY A 233 -28.64 -1.03 -5.33
CA GLY A 233 -28.74 0.29 -5.97
C GLY A 233 -27.39 0.71 -6.48
N ALA A 234 -26.64 -0.24 -7.03
CA ALA A 234 -25.23 -0.06 -7.42
C ALA A 234 -25.04 -0.27 -8.92
N SER A 235 -23.99 0.34 -9.48
CA SER A 235 -23.57 0.15 -10.87
C SER A 235 -22.24 -0.60 -10.87
N ALA A 236 -21.96 -1.32 -11.95
CA ALA A 236 -20.65 -1.96 -12.14
C ALA A 236 -19.62 -0.92 -12.61
N VAL A 237 -18.36 -0.99 -12.14
CA VAL A 237 -17.29 -0.23 -12.80
C VAL A 237 -17.30 -0.60 -14.32
N PRO A 238 -17.33 0.41 -15.23
CA PRO A 238 -17.34 0.06 -16.65
C PRO A 238 -16.03 -0.65 -17.11
N THR A 239 -16.16 -1.53 -18.09
CA THR A 239 -15.06 -2.36 -18.54
C THR A 239 -13.91 -1.53 -19.14
N TRP A 240 -14.24 -0.41 -19.78
CA TRP A 240 -13.21 0.46 -20.37
C TRP A 240 -12.23 1.06 -19.33
N ALA A 241 -12.66 1.15 -18.06
CA ALA A 241 -11.85 1.77 -17.01
C ALA A 241 -10.69 0.87 -16.56
N PHE A 242 -10.79 -0.43 -16.84
CA PHE A 242 -9.76 -1.37 -16.44
C PHE A 242 -8.64 -1.32 -17.47
N LYS A 243 -7.40 -1.13 -17.00
CA LYS A 243 -6.26 -1.03 -17.91
C LYS A 243 -5.31 -2.23 -17.72
N VAL A 244 -4.62 -2.65 -18.79
CA VAL A 244 -3.63 -3.69 -18.64
C VAL A 244 -2.32 -3.11 -18.08
N ARG A 245 -1.79 -3.75 -17.04
CA ARG A 245 -0.44 -3.46 -16.59
C ARG A 245 0.55 -4.40 -17.28
N PRO A 246 1.60 -3.83 -17.90
CA PRO A 246 2.59 -4.71 -18.51
C PRO A 246 3.42 -5.38 -17.41
N PRO A 247 3.84 -6.64 -17.64
CA PRO A 247 4.74 -7.37 -16.75
C PRO A 247 6.02 -6.59 -16.47
N HIS A 248 6.59 -6.80 -15.29
CA HIS A 248 7.88 -6.19 -14.97
C HIS A 248 8.97 -6.92 -15.74
N SER A 249 10.14 -6.29 -15.88
CA SER A 249 11.26 -6.94 -16.58
C SER A 249 12.45 -7.23 -15.66
N PHE A 250 12.19 -7.39 -14.36
CA PHE A 250 13.20 -7.87 -13.43
C PHE A 250 13.53 -9.33 -13.77
N LEU A 251 14.81 -9.66 -13.79
CA LEU A 251 15.25 -11.04 -14.04
C LEU A 251 15.95 -11.58 -12.83
N VAL A 252 15.84 -12.88 -12.63
CA VAL A 252 16.56 -13.62 -11.59
C VAL A 252 18.05 -13.22 -11.47
N ASN A 253 18.49 -12.97 -10.24
CA ASN A 253 19.88 -12.66 -9.88
C ASN A 253 20.25 -11.18 -9.96
N MET A 254 19.38 -10.34 -10.56
CA MET A 254 19.55 -8.88 -10.52
C MET A 254 19.56 -8.44 -9.06
N LYS A 255 20.37 -7.44 -8.73
CA LYS A 255 20.51 -7.01 -7.35
C LYS A 255 19.87 -5.62 -7.14
N LEU A 256 19.50 -5.30 -5.91
CA LEU A 256 18.75 -4.07 -5.63
C LEU A 256 18.80 -3.79 -4.12
N GLU A 257 17.98 -2.86 -3.65
CA GLU A 257 17.88 -2.59 -2.20
C GLU A 257 16.45 -2.85 -1.70
N ALA A 258 16.31 -3.58 -0.59
CA ALA A 258 14.97 -3.82 -0.05
C ALA A 258 14.86 -3.62 1.45
N VAL A 259 13.80 -2.94 1.88
CA VAL A 259 13.44 -2.84 3.31
C VAL A 259 13.31 -4.25 3.90
N ASP A 260 13.92 -4.48 5.06
CA ASP A 260 13.77 -5.73 5.84
C ASP A 260 12.38 -5.77 6.46
N ARG A 261 11.60 -6.80 6.14
CA ARG A 261 10.27 -6.93 6.75
C ARG A 261 10.31 -7.28 8.25
N ARG A 262 11.38 -7.95 8.68
CA ARG A 262 11.54 -8.37 10.08
C ARG A 262 12.02 -7.23 10.99
N ASN A 263 12.80 -6.30 10.44
CA ASN A 263 13.12 -5.03 11.11
C ASN A 263 13.04 -3.90 10.10
N PRO A 264 11.84 -3.34 9.91
CA PRO A 264 11.62 -2.37 8.81
C PRO A 264 12.39 -1.05 8.92
N ALA A 265 13.10 -0.82 10.02
CA ALA A 265 14.04 0.30 10.06
C ALA A 265 15.26 0.01 9.15
N LEU A 266 15.50 -1.25 8.82
CA LEU A 266 16.66 -1.61 7.97
C LEU A 266 16.35 -1.82 6.48
N ILE A 267 17.32 -1.45 5.66
CA ILE A 267 17.30 -1.72 4.24
C ILE A 267 18.58 -2.50 3.93
N ARG A 268 18.42 -3.61 3.21
CA ARG A 268 19.49 -4.57 2.99
C ARG A 268 19.77 -4.76 1.51
N VAL A 269 21.02 -5.09 1.18
CA VAL A 269 21.40 -5.63 -0.14
C VAL A 269 20.51 -6.86 -0.43
N ALA A 270 19.95 -6.91 -1.64
CA ALA A 270 18.98 -7.96 -2.01
C ALA A 270 19.18 -8.45 -3.44
N SER A 271 18.58 -9.61 -3.71
CA SER A 271 18.71 -10.28 -4.99
C SER A 271 17.34 -10.75 -5.43
N VAL A 272 17.08 -10.69 -6.73
CA VAL A 272 15.89 -11.32 -7.30
C VAL A 272 16.10 -12.86 -7.33
N GLU A 273 15.29 -13.55 -6.53
CA GLU A 273 15.43 -14.98 -6.29
C GLU A 273 14.51 -15.77 -7.25
N ASP A 274 13.37 -15.15 -7.60
CA ASP A 274 12.37 -15.74 -8.49
C ASP A 274 11.47 -14.59 -8.98
N VAL A 275 10.70 -14.84 -10.04
CA VAL A 275 9.84 -13.82 -10.67
C VAL A 275 8.52 -14.41 -11.17
N GLU A 276 7.48 -13.58 -11.11
CA GLU A 276 6.20 -13.79 -11.81
C GLU A 276 5.95 -12.60 -12.77
N ASP A 277 4.77 -12.53 -13.37
CA ASP A 277 4.41 -11.38 -14.23
C ASP A 277 4.46 -10.05 -13.47
N HIS A 278 3.94 -10.04 -12.24
CA HIS A 278 3.85 -8.80 -11.47
C HIS A 278 4.48 -8.84 -10.11
N ARG A 279 5.18 -9.92 -9.76
CA ARG A 279 5.81 -10.04 -8.45
C ARG A 279 7.25 -10.50 -8.55
N ILE A 280 8.06 -10.14 -7.56
CA ILE A 280 9.43 -10.61 -7.47
C ILE A 280 9.65 -11.24 -6.10
N LYS A 281 10.44 -12.30 -6.05
CA LYS A 281 10.81 -12.90 -4.77
C LYS A 281 12.17 -12.36 -4.39
N ILE A 282 12.24 -11.72 -3.22
CA ILE A 282 13.47 -11.10 -2.72
C ILE A 282 14.24 -12.06 -1.82
N HIS A 283 15.56 -12.08 -2.01
CA HIS A 283 16.49 -12.75 -1.11
C HIS A 283 17.46 -11.72 -0.55
N PHE A 284 17.71 -11.77 0.76
CA PHE A 284 18.76 -10.94 1.33
C PHE A 284 20.11 -11.64 1.31
N ASP A 285 20.98 -11.23 0.37
CA ASP A 285 22.37 -11.72 0.25
C ASP A 285 23.03 -11.92 1.61
N GLY A 286 23.58 -13.10 1.85
CA GLY A 286 24.28 -13.41 3.09
C GLY A 286 23.42 -14.06 4.16
N TRP A 287 22.10 -14.06 3.93
CA TRP A 287 21.12 -14.58 4.89
C TRP A 287 20.47 -15.87 4.43
N SER A 288 19.91 -16.60 5.39
CA SER A 288 19.08 -17.79 5.14
C SER A 288 18.02 -17.55 4.06
N HIS A 289 17.74 -18.56 3.26
CA HIS A 289 16.62 -18.47 2.30
C HIS A 289 15.26 -18.53 3.00
N GLY A 290 15.26 -18.92 4.27
CA GLY A 290 14.05 -18.89 5.08
C GLY A 290 13.41 -17.51 5.16
N TYR A 291 14.24 -16.46 5.01
CA TYR A 291 13.76 -15.07 5.02
C TYR A 291 13.33 -14.53 3.66
N ASP A 292 13.46 -15.32 2.59
CA ASP A 292 13.03 -14.88 1.26
C ASP A 292 11.53 -14.55 1.25
N PHE A 293 11.11 -13.65 0.35
CA PHE A 293 9.70 -13.21 0.35
C PHE A 293 9.22 -12.63 -0.97
N TRP A 294 7.96 -12.91 -1.30
CA TRP A 294 7.31 -12.33 -2.48
C TRP A 294 6.76 -10.93 -2.19
N ILE A 295 6.93 -10.05 -3.17
CA ILE A 295 6.53 -8.66 -3.10
C ILE A 295 6.07 -8.22 -4.50
N ASP A 296 5.06 -7.36 -4.56
CA ASP A 296 4.61 -6.78 -5.83
C ASP A 296 5.71 -5.89 -6.37
N ALA A 297 5.94 -5.92 -7.68
CA ALA A 297 6.96 -5.09 -8.32
C ALA A 297 6.79 -3.57 -8.07
N ASP A 298 5.57 -3.13 -7.76
CA ASP A 298 5.32 -1.70 -7.53
C ASP A 298 5.33 -1.33 -6.05
N HIS A 299 5.69 -2.28 -5.19
CA HIS A 299 5.72 -1.98 -3.74
C HIS A 299 6.69 -0.81 -3.44
N PRO A 300 6.28 0.13 -2.56
CA PRO A 300 7.17 1.25 -2.21
C PRO A 300 8.49 0.91 -1.51
N ASP A 301 8.67 -0.31 -1.01
CA ASP A 301 9.86 -0.69 -0.22
C ASP A 301 10.95 -1.49 -0.96
N ILE A 302 10.95 -1.41 -2.29
CA ILE A 302 12.10 -1.89 -3.08
C ILE A 302 12.64 -0.74 -3.92
N HIS A 303 13.95 -0.72 -4.11
CA HIS A 303 14.66 0.42 -4.68
C HIS A 303 15.87 -0.04 -5.47
N PRO A 304 16.30 0.78 -6.44
CA PRO A 304 17.54 0.47 -7.15
C PRO A 304 18.75 0.67 -6.25
N ALA A 305 19.81 -0.04 -6.58
CA ALA A 305 21.11 0.16 -5.95
C ALA A 305 21.48 1.65 -5.97
N GLY A 306 22.00 2.14 -4.85
CA GLY A 306 22.38 3.56 -4.76
C GLY A 306 21.34 4.43 -4.06
N TRP A 307 20.14 3.88 -3.86
CA TRP A 307 19.01 4.62 -3.32
C TRP A 307 19.34 5.10 -1.91
N CYS A 308 19.76 4.17 -1.07
CA CYS A 308 20.19 4.45 0.30
C CYS A 308 21.29 5.52 0.39
N SER A 309 22.36 5.28 -0.37
CA SER A 309 23.50 6.20 -0.46
C SER A 309 23.04 7.62 -0.80
N LYS A 310 22.25 7.73 -1.88
CA LYS A 310 21.84 9.02 -2.40
C LYS A 310 20.75 9.73 -1.54
N THR A 311 20.03 8.95 -0.73
CA THR A 311 18.99 9.53 0.14
C THR A 311 19.44 9.79 1.60
N GLY A 312 20.60 9.24 1.97
CA GLY A 312 21.15 9.36 3.31
C GLY A 312 20.65 8.34 4.31
N HIS A 313 20.26 7.16 3.80
CA HIS A 313 19.83 6.03 4.62
C HIS A 313 20.99 5.01 4.69
N PRO A 314 21.29 4.47 5.90
CA PRO A 314 22.25 3.35 5.94
C PRO A 314 21.78 2.13 5.12
N LEU A 315 22.72 1.54 4.39
CA LEU A 315 22.45 0.29 3.71
C LEU A 315 23.17 -0.83 4.46
N GLN A 316 22.43 -1.92 4.75
CA GLN A 316 23.04 -3.10 5.36
C GLN A 316 23.75 -3.94 4.28
N PRO A 317 25.07 -4.13 4.45
CA PRO A 317 25.80 -4.93 3.48
C PRO A 317 25.50 -6.41 3.73
N PRO A 318 25.77 -7.28 2.73
CA PRO A 318 25.55 -8.71 2.95
C PRO A 318 26.22 -9.23 4.22
N LEU A 319 25.58 -10.16 4.90
CA LEU A 319 26.22 -10.88 5.99
C LEU A 319 27.49 -11.57 5.43
N GLY A 320 28.65 -11.21 5.98
CA GLY A 320 29.90 -11.89 5.61
C GLY A 320 30.12 -13.16 6.43
N PRO A 321 31.19 -13.93 6.10
CA PRO A 321 31.65 -15.03 6.97
C PRO A 321 32.10 -14.54 8.36
N ARG B 1 -6.74 -13.58 10.84
CA ARG B 1 -5.60 -14.28 10.26
C ARG B 1 -5.97 -15.71 9.87
N HIS B 2 -7.11 -16.20 10.29
CA HIS B 2 -7.57 -17.50 9.81
C HIS B 2 -8.00 -17.41 8.37
N ARG B 3 -7.58 -18.36 7.56
CA ARG B 3 -8.03 -18.36 6.16
C ARG B 3 -9.54 -18.58 6.09
N VAL B 5 -12.69 -20.48 5.35
CA VAL B 5 -12.94 -21.88 5.59
C VAL B 5 -14.45 -22.17 5.49
N LEU B 6 -14.82 -23.23 4.78
CA LEU B 6 -16.22 -23.65 4.77
C LEU B 6 -16.63 -24.16 6.15
N ARG B 7 -17.68 -23.57 6.72
CA ARG B 7 -18.24 -23.91 8.02
C ARG B 7 -19.74 -24.18 7.90
N ASP B 8 -20.39 -24.50 9.01
CA ASP B 8 -21.86 -24.68 9.01
C ASP B 8 -22.57 -23.91 10.14
N ASN B 9 -21.95 -22.80 10.51
CA ASN B 9 -22.60 -21.71 11.24
C ASN B 9 -22.17 -20.40 10.59
#